data_4NXG
#
_entry.id   4NXG
#
_cell.length_a   37.397
_cell.length_b   60.711
_cell.length_c   49.279
_cell.angle_alpha   90.00
_cell.angle_beta   103.42
_cell.angle_gamma   90.00
#
_symmetry.space_group_name_H-M   'P 1 21 1'
#
loop_
_entity.id
_entity.type
_entity.pdbx_description
1 polymer Phototropin-2
2 non-polymer 'FLAVIN MONONUCLEOTIDE'
3 water water
#
_entity_poly.entity_id   1
_entity_poly.type   'polypeptide(L)'
_entity_poly.pdbx_seq_one_letter_code
;MEKNFVITDPRLPDNPIIFASDGFLELTEYSREEILGRNARFLQGPETDQATVQKIRDAIRDQRETTVQLINYTKSGKKF
WNLLHLQPVRDQKGELQYF(2LT)GVQLDGSDHVLEHHHHHH
;
_entity_poly.pdbx_strand_id   A,B
#
loop_
_chem_comp.id
_chem_comp.type
_chem_comp.name
_chem_comp.formula
FMN non-polymer 'FLAVIN MONONUCLEOTIDE' 'C17 H21 N4 O9 P'
#
# COMPACT_ATOMS: atom_id res chain seq x y z
N LYS A 3 -7.06 4.59 5.00
CA LYS A 3 -6.09 3.70 4.36
C LYS A 3 -6.52 3.34 2.95
N ASN A 4 -6.64 4.38 2.11
CA ASN A 4 -6.94 4.20 0.70
C ASN A 4 -5.66 4.36 -0.08
N PHE A 5 -5.22 3.29 -0.74
CA PHE A 5 -3.99 3.36 -1.53
C PHE A 5 -3.94 2.35 -2.65
N VAL A 6 -3.19 2.67 -3.70
CA VAL A 6 -2.99 1.78 -4.83
C VAL A 6 -1.51 1.71 -5.21
N ILE A 7 -1.11 0.62 -5.85
CA ILE A 7 0.23 0.51 -6.40
C ILE A 7 0.09 0.37 -7.90
N THR A 8 0.92 1.07 -8.67
CA THR A 8 0.96 0.87 -10.12
C THR A 8 2.31 0.34 -10.55
N ASP A 9 2.38 -0.22 -11.76
CA ASP A 9 3.64 -0.70 -12.32
C ASP A 9 3.96 0.01 -13.63
N PRO A 10 4.87 1.00 -13.57
CA PRO A 10 5.24 1.81 -14.74
C PRO A 10 6.04 1.04 -15.77
N ARG A 11 6.50 -0.17 -15.42
CA ARG A 11 7.18 -1.03 -16.37
C ARG A 11 6.14 -1.71 -17.25
N LEU A 12 4.90 -1.74 -16.78
CA LEU A 12 3.78 -2.24 -17.57
C LEU A 12 3.18 -1.08 -18.38
N PRO A 13 2.68 -1.38 -19.58
CA PRO A 13 2.08 -0.37 -20.47
C PRO A 13 0.96 0.45 -19.81
N ASP A 14 1.06 1.77 -19.93
CA ASP A 14 0.08 2.71 -19.38
C ASP A 14 0.01 2.70 -17.85
N ASN A 15 1.10 2.26 -17.20
CA ASN A 15 1.25 2.36 -15.74
C ASN A 15 -0.01 1.93 -14.98
N PRO A 16 -0.42 0.66 -15.13
CA PRO A 16 -1.70 0.23 -14.58
C PRO A 16 -1.63 -0.10 -13.10
N ILE A 17 -2.79 -0.06 -12.43
CA ILE A 17 -2.91 -0.49 -11.05
C ILE A 17 -2.65 -1.99 -10.97
N ILE A 18 -1.80 -2.41 -10.05
CA ILE A 18 -1.56 -3.83 -9.81
C ILE A 18 -2.00 -4.22 -8.41
N PHE A 19 -2.31 -3.21 -7.58
CA PHE A 19 -2.77 -3.46 -6.22
C PHE A 19 -3.65 -2.31 -5.73
N ALA A 20 -4.75 -2.64 -5.05
CA ALA A 20 -5.61 -1.64 -4.43
C ALA A 20 -6.11 -2.14 -3.08
N SER A 21 -6.11 -1.25 -2.08
CA SER A 21 -6.62 -1.60 -0.76
C SER A 21 -8.15 -1.67 -0.74
N ASP A 22 -8.71 -2.28 0.30
CA ASP A 22 -10.15 -2.36 0.45
C ASP A 22 -10.77 -0.96 0.60
N GLY A 23 -10.04 -0.08 1.27
CA GLY A 23 -10.48 1.30 1.43
C GLY A 23 -10.64 1.98 0.07
N PHE A 24 -9.71 1.74 -0.83
CA PHE A 24 -9.79 2.30 -2.18
C PHE A 24 -11.01 1.78 -2.90
N LEU A 25 -11.32 0.50 -2.69
CA LEU A 25 -12.49 -0.11 -3.30
C LEU A 25 -13.76 0.54 -2.80
N GLU A 26 -13.85 0.75 -1.48
CA GLU A 26 -15.04 1.33 -0.88
C GLU A 26 -15.22 2.79 -1.30
N LEU A 27 -14.12 3.53 -1.32
CA LEU A 27 -14.13 4.93 -1.76
C LEU A 27 -14.66 5.09 -3.17
N THR A 28 -14.16 4.26 -4.09
CA THR A 28 -14.46 4.42 -5.51
C THR A 28 -15.67 3.61 -5.99
N GLU A 29 -16.13 2.68 -5.15
CA GLU A 29 -17.27 1.80 -5.45
C GLU A 29 -16.95 0.73 -6.50
N TYR A 30 -15.70 0.62 -6.89
CA TYR A 30 -15.30 -0.43 -7.84
C TYR A 30 -14.84 -1.68 -7.10
N SER A 31 -14.95 -2.82 -7.77
CA SER A 31 -14.37 -4.06 -7.27
C SER A 31 -12.95 -4.18 -7.80
N ARG A 32 -12.16 -5.04 -7.16
CA ARG A 32 -10.77 -5.28 -7.55
C ARG A 32 -10.71 -5.82 -8.98
N GLU A 33 -11.65 -6.68 -9.33
CA GLU A 33 -11.71 -7.26 -10.67
C GLU A 33 -11.85 -6.20 -11.76
N GLU A 34 -12.63 -5.16 -11.45
CA GLU A 34 -12.89 -4.09 -12.40
C GLU A 34 -11.73 -3.10 -12.51
N ILE A 35 -10.81 -3.17 -11.55
CA ILE A 35 -9.76 -2.14 -11.40
C ILE A 35 -8.39 -2.55 -11.89
N LEU A 36 -7.95 -3.74 -11.51
CA LEU A 36 -6.59 -4.21 -11.83
C LEU A 36 -6.31 -4.19 -13.33
N GLY A 37 -5.09 -3.82 -13.69
CA GLY A 37 -4.70 -3.77 -15.09
C GLY A 37 -5.10 -2.49 -15.79
N ARG A 38 -5.78 -1.59 -15.08
CA ARG A 38 -6.20 -0.31 -15.65
C ARG A 38 -5.40 0.86 -15.06
N ASN A 39 -5.19 1.90 -15.88
CA ASN A 39 -4.57 3.12 -15.39
C ASN A 39 -5.58 3.91 -14.57
N ALA A 40 -5.13 4.49 -13.46
CA ALA A 40 -6.02 5.14 -12.50
C ALA A 40 -6.86 6.30 -13.06
N ARG A 41 -6.62 6.70 -14.31
CA ARG A 41 -7.31 7.86 -14.85
C ARG A 41 -8.82 7.67 -15.03
N PHE A 42 -9.29 6.42 -14.97
CA PHE A 42 -10.73 6.14 -15.10
C PHE A 42 -11.55 6.83 -14.01
N LEU A 43 -10.88 7.26 -12.95
CA LEU A 43 -11.52 7.99 -11.85
C LEU A 43 -11.84 9.43 -12.25
N GLN A 44 -11.23 9.89 -13.34
CA GLN A 44 -11.38 11.27 -13.78
C GLN A 44 -12.62 11.44 -14.65
N GLY A 45 -13.08 12.68 -14.78
CA GLY A 45 -14.24 12.96 -15.61
C GLY A 45 -14.33 14.44 -15.94
N PRO A 46 -15.52 14.89 -16.35
CA PRO A 46 -15.77 16.23 -16.88
C PRO A 46 -15.27 17.39 -16.00
N GLU A 47 -15.48 17.32 -14.69
CA GLU A 47 -15.07 18.42 -13.81
C GLU A 47 -13.65 18.27 -13.25
N THR A 48 -12.89 17.31 -13.77
CA THR A 48 -11.51 17.14 -13.35
C THR A 48 -10.62 18.21 -14.01
N ASP A 49 -10.01 19.06 -13.19
CA ASP A 49 -9.16 20.14 -13.68
C ASP A 49 -7.99 19.59 -14.48
N GLN A 50 -7.95 19.94 -15.76
CA GLN A 50 -6.94 19.40 -16.66
C GLN A 50 -5.54 19.93 -16.36
N ALA A 51 -5.47 21.12 -15.78
CA ALA A 51 -4.19 21.65 -15.32
C ALA A 51 -3.65 20.78 -14.20
N THR A 52 -4.54 20.30 -13.33
CA THR A 52 -4.12 19.43 -12.24
C THR A 52 -3.64 18.09 -12.76
N VAL A 53 -4.31 17.55 -13.78
CA VAL A 53 -3.89 16.28 -14.37
C VAL A 53 -2.50 16.44 -15.00
N GLN A 54 -2.21 17.63 -15.53
CA GLN A 54 -0.90 17.92 -16.11
C GLN A 54 0.20 17.88 -15.04
N LYS A 55 -0.11 18.32 -13.84
CA LYS A 55 0.85 18.22 -12.73
C LYS A 55 1.21 16.77 -12.42
N ILE A 56 0.19 15.92 -12.33
CA ILE A 56 0.41 14.49 -12.12
C ILE A 56 1.25 13.94 -13.27
N ARG A 57 0.89 14.34 -14.49
CA ARG A 57 1.59 13.99 -15.71
C ARG A 57 3.09 14.29 -15.61
N ASP A 58 3.42 15.51 -15.24
CA ASP A 58 4.82 15.94 -15.12
C ASP A 58 5.55 15.20 -14.00
N ALA A 59 4.86 14.97 -12.88
CA ALA A 59 5.44 14.28 -11.74
C ALA A 59 5.77 12.83 -12.08
N ILE A 60 4.91 12.20 -12.85
CA ILE A 60 5.16 10.84 -13.32
C ILE A 60 6.29 10.84 -14.34
N ARG A 61 6.30 11.86 -15.19
CA ARG A 61 7.35 12.00 -16.21
C ARG A 61 8.73 12.12 -15.55
N ASP A 62 8.84 13.02 -14.58
CA ASP A 62 10.10 13.28 -13.89
C ASP A 62 10.40 12.24 -12.82
N GLN A 63 9.42 11.38 -12.54
CA GLN A 63 9.54 10.36 -11.49
C GLN A 63 9.83 11.00 -10.13
N ARG A 64 8.93 11.88 -9.70
CA ARG A 64 9.05 12.55 -8.43
C ARG A 64 7.73 12.48 -7.69
N GLU A 65 7.77 12.58 -6.37
CA GLU A 65 6.55 12.53 -5.58
C GLU A 65 5.80 13.85 -5.74
N THR A 66 4.49 13.79 -5.57
CA THR A 66 3.67 14.99 -5.61
C THR A 66 2.38 14.82 -4.81
N THR A 67 1.76 15.95 -4.46
CA THR A 67 0.47 15.95 -3.77
C THR A 67 -0.46 16.94 -4.45
N VAL A 68 -1.61 16.47 -4.92
CA VAL A 68 -2.56 17.35 -5.61
C VAL A 68 -3.98 17.10 -5.11
N GLN A 69 -4.88 18.04 -5.43
CA GLN A 69 -6.30 17.92 -5.12
C GLN A 69 -7.12 18.00 -6.39
N LEU A 70 -7.94 16.99 -6.65
CA LEU A 70 -8.73 16.98 -7.88
C LEU A 70 -10.04 16.22 -7.76
N ILE A 71 -10.97 16.54 -8.66
CA ILE A 71 -12.25 15.85 -8.76
C ILE A 71 -12.10 14.45 -9.36
N ASN A 72 -12.60 13.45 -8.63
CA ASN A 72 -12.73 12.09 -9.17
C ASN A 72 -14.18 11.64 -9.13
N TYR A 73 -14.48 10.55 -9.83
CA TYR A 73 -15.85 10.06 -9.92
C TYR A 73 -15.91 8.59 -9.51
N THR A 74 -16.86 8.24 -8.65
CA THR A 74 -17.06 6.84 -8.26
C THR A 74 -17.69 6.09 -9.42
N LYS A 75 -17.83 4.78 -9.25
CA LYS A 75 -18.39 3.95 -10.31
C LYS A 75 -19.79 4.42 -10.72
N SER A 76 -20.55 4.94 -9.76
CA SER A 76 -21.91 5.41 -10.01
C SER A 76 -21.96 6.84 -10.56
N GLY A 77 -20.80 7.48 -10.64
CA GLY A 77 -20.71 8.84 -11.17
C GLY A 77 -20.66 9.92 -10.09
N LYS A 78 -20.68 9.50 -8.83
CA LYS A 78 -20.66 10.43 -7.71
C LYS A 78 -19.35 11.25 -7.64
N LYS A 79 -19.49 12.57 -7.69
CA LYS A 79 -18.34 13.48 -7.55
C LYS A 79 -17.72 13.40 -6.17
N PHE A 80 -16.39 13.38 -6.10
CA PHE A 80 -15.70 13.57 -4.83
C PHE A 80 -14.33 14.21 -5.02
N TRP A 81 -13.94 15.06 -4.08
CA TRP A 81 -12.60 15.64 -4.09
C TRP A 81 -11.58 14.66 -3.55
N ASN A 82 -10.49 14.50 -4.28
CA ASN A 82 -9.45 13.54 -3.93
C ASN A 82 -8.11 14.25 -3.71
N LEU A 83 -7.65 14.25 -2.46
CA LEU A 83 -6.31 14.72 -2.16
C LEU A 83 -5.38 13.54 -2.41
N LEU A 84 -4.66 13.60 -3.53
CA LEU A 84 -3.88 12.47 -4.00
C LEU A 84 -2.38 12.67 -3.76
N HIS A 85 -1.76 11.68 -3.14
CA HIS A 85 -0.32 11.71 -2.91
C HIS A 85 0.35 10.60 -3.70
N LEU A 86 1.33 10.96 -4.52
CA LEU A 86 2.04 10.00 -5.37
C LEU A 86 3.49 9.85 -4.93
N GLN A 87 4.02 8.65 -5.04
CA GLN A 87 5.39 8.39 -4.60
C GLN A 87 6.03 7.29 -5.46
N PRO A 88 7.14 7.62 -6.14
CA PRO A 88 7.83 6.59 -6.91
C PRO A 88 8.73 5.72 -6.04
N VAL A 89 8.93 4.48 -6.47
CA VAL A 89 9.79 3.54 -5.76
C VAL A 89 10.75 2.95 -6.77
N ARG A 90 12.04 2.96 -6.46
CA ARG A 90 13.01 2.30 -7.32
C ARG A 90 13.92 1.36 -6.54
N ASP A 91 14.55 0.43 -7.25
CA ASP A 91 15.44 -0.54 -6.61
C ASP A 91 16.82 0.05 -6.30
N GLN A 92 17.77 -0.80 -5.97
CA GLN A 92 19.12 -0.35 -5.63
C GLN A 92 19.92 0.02 -6.88
N LYS A 93 19.59 -0.60 -8.00
CA LYS A 93 20.30 -0.33 -9.25
C LYS A 93 19.70 0.84 -10.02
N GLY A 94 18.77 1.56 -9.40
CA GLY A 94 18.21 2.78 -9.95
C GLY A 94 16.97 2.62 -10.81
N GLU A 95 16.50 1.38 -10.93
CA GLU A 95 15.38 1.08 -11.80
C GLU A 95 14.03 1.42 -11.17
N LEU A 96 13.27 2.30 -11.82
CA LEU A 96 11.91 2.62 -11.39
C LEU A 96 11.03 1.37 -11.44
N GLN A 97 10.37 1.06 -10.34
CA GLN A 97 9.68 -0.22 -10.18
C GLN A 97 8.18 -0.05 -9.98
N TYR A 98 7.79 0.93 -9.16
CA TYR A 98 6.39 1.19 -8.88
C TYR A 98 6.15 2.66 -8.62
N PHE A 99 4.87 3.03 -8.60
CA PHE A 99 4.40 4.22 -7.92
C PHE A 99 3.41 3.71 -6.90
N 2LT A 100 3.32 4.36 -5.74
CA 2LT A 100 2.22 4.13 -4.89
C 2LT A 100 1.49 5.47 -4.77
O 2LT A 100 2.13 6.57 -4.88
CB 2LT A 100 2.51 3.50 -3.61
CG 2LT A 100 3.28 4.25 -2.52
CD1 2LT A 100 4.69 4.09 -2.42
CD2 2LT A 100 2.65 5.04 -1.64
CE1 2LT A 100 5.38 4.73 -1.47
CE2 2LT A 100 3.41 5.73 -0.61
CZ 2LT A 100 4.71 5.58 -0.53
OH 2LT A 100 5.42 6.21 0.42
CL1 2LT A 100 7.15 4.53 -1.35
CL2 2LT A 100 2.61 6.75 0.51
N GLY A 101 0.18 5.40 -4.59
CA GLY A 101 -0.63 6.58 -4.40
C GLY A 101 -1.56 6.39 -3.22
N VAL A 102 -1.78 7.45 -2.46
CA VAL A 102 -2.70 7.40 -1.33
C VAL A 102 -3.80 8.43 -1.52
N GLN A 103 -5.05 7.98 -1.41
CA GLN A 103 -6.19 8.89 -1.58
C GLN A 103 -6.82 9.31 -0.26
N LEU A 104 -6.79 10.60 0.03
CA LEU A 104 -7.64 11.13 1.09
C LEU A 104 -8.86 11.78 0.46
N ASP A 105 -10.02 11.57 1.07
CA ASP A 105 -11.24 12.24 0.67
C ASP A 105 -11.76 13.09 1.83
N GLU B 2 1.20 8.42 9.23
CA GLU B 2 -0.18 8.32 8.76
C GLU B 2 -0.28 7.44 7.51
N LYS B 3 0.86 7.23 6.86
CA LYS B 3 0.93 6.40 5.65
C LYS B 3 2.03 5.33 5.73
N ASN B 4 1.96 4.49 6.74
CA ASN B 4 2.94 3.41 6.93
C ASN B 4 2.31 2.07 6.58
N PHE B 5 2.77 1.46 5.49
CA PHE B 5 2.18 0.20 5.07
C PHE B 5 3.16 -0.71 4.34
N VAL B 6 2.88 -2.00 4.38
CA VAL B 6 3.67 -3.00 3.68
C VAL B 6 2.73 -3.95 2.97
N ILE B 7 3.26 -4.63 1.95
CA ILE B 7 2.54 -5.72 1.29
C ILE B 7 3.41 -6.95 1.48
N THR B 8 2.81 -8.09 1.83
CA THR B 8 3.58 -9.33 1.89
C THR B 8 3.06 -10.33 0.87
N ASP B 9 3.84 -11.38 0.64
CA ASP B 9 3.47 -12.40 -0.33
C ASP B 9 3.46 -13.78 0.33
N PRO B 10 2.26 -14.23 0.72
CA PRO B 10 2.07 -15.53 1.38
C PRO B 10 2.24 -16.68 0.41
N ARG B 11 2.45 -16.37 -0.87
CA ARG B 11 2.67 -17.40 -1.89
C ARG B 11 4.16 -17.77 -1.98
N LEU B 12 5.01 -16.91 -1.41
CA LEU B 12 6.45 -17.16 -1.36
C LEU B 12 6.84 -17.65 0.05
N PRO B 13 7.90 -18.47 0.14
CA PRO B 13 8.28 -19.04 1.44
C PRO B 13 8.41 -17.98 2.55
N ASP B 14 7.82 -18.26 3.70
CA ASP B 14 7.88 -17.40 4.89
C ASP B 14 7.17 -16.04 4.76
N ASN B 15 6.27 -15.91 3.77
CA ASN B 15 5.41 -14.73 3.62
C ASN B 15 6.15 -13.39 3.75
N PRO B 16 7.13 -13.16 2.85
CA PRO B 16 8.00 -11.98 3.02
C PRO B 16 7.37 -10.69 2.53
N ILE B 17 7.86 -9.57 3.04
CA ILE B 17 7.49 -8.24 2.56
C ILE B 17 7.99 -8.07 1.13
N ILE B 18 7.13 -7.62 0.22
CA ILE B 18 7.54 -7.34 -1.15
C ILE B 18 7.36 -5.86 -1.51
N PHE B 19 6.79 -5.09 -0.58
CA PHE B 19 6.63 -3.66 -0.78
C PHE B 19 6.51 -2.98 0.58
N ALA B 20 7.15 -1.82 0.72
CA ALA B 20 7.00 -0.99 1.91
C ALA B 20 6.98 0.50 1.51
N SER B 21 6.10 1.27 2.16
CA SER B 21 5.99 2.69 1.88
C SER B 21 7.16 3.44 2.51
N ASP B 22 7.44 4.65 2.05
CA ASP B 22 8.51 5.45 2.65
C ASP B 22 8.24 5.70 4.13
N GLY B 23 6.96 5.83 4.48
CA GLY B 23 6.55 6.02 5.87
C GLY B 23 6.99 4.85 6.76
N PHE B 24 6.77 3.62 6.29
CA PHE B 24 7.17 2.44 7.03
C PHE B 24 8.70 2.42 7.21
N LEU B 25 9.43 2.88 6.20
CA LEU B 25 10.88 2.92 6.29
C LEU B 25 11.34 3.92 7.36
N GLU B 26 10.69 5.08 7.38
CA GLU B 26 11.05 6.12 8.34
C GLU B 26 10.67 5.69 9.75
N LEU B 27 9.51 5.05 9.87
CA LEU B 27 9.01 4.56 11.15
C LEU B 27 9.95 3.53 11.78
N THR B 28 10.42 2.59 10.95
CA THR B 28 11.19 1.45 11.45
C THR B 28 12.69 1.61 11.35
N GLU B 29 13.14 2.67 10.68
CA GLU B 29 14.57 3.00 10.47
C GLU B 29 15.30 2.09 9.49
N TYR B 30 14.59 1.14 8.89
CA TYR B 30 15.19 0.26 7.89
C TYR B 30 15.11 0.87 6.50
N SER B 31 16.06 0.49 5.64
CA SER B 31 16.00 0.86 4.24
C SER B 31 15.30 -0.26 3.48
N ARG B 32 14.80 0.06 2.28
CA ARG B 32 14.07 -0.90 1.46
C ARG B 32 14.94 -2.12 1.14
N GLU B 33 16.22 -1.87 0.90
CA GLU B 33 17.17 -2.94 0.61
C GLU B 33 17.25 -3.95 1.75
N GLU B 34 17.21 -3.45 2.99
CA GLU B 34 17.33 -4.29 4.17
C GLU B 34 16.06 -5.09 4.49
N ILE B 35 14.92 -4.63 3.99
CA ILE B 35 13.62 -5.18 4.37
C ILE B 35 13.08 -6.23 3.42
N LEU B 36 13.10 -5.91 2.12
CA LEU B 36 12.46 -6.73 1.11
C LEU B 36 12.97 -8.18 1.09
N GLY B 37 12.03 -9.11 0.96
CA GLY B 37 12.36 -10.52 0.94
C GLY B 37 12.35 -11.16 2.32
N ARG B 38 12.03 -10.37 3.35
CA ARG B 38 12.05 -10.87 4.72
C ARG B 38 10.67 -10.80 5.39
N ASN B 39 10.39 -11.77 6.25
CA ASN B 39 9.14 -11.78 7.02
C ASN B 39 9.19 -10.65 8.05
N ALA B 40 8.08 -9.93 8.20
CA ALA B 40 8.02 -8.75 9.07
C ALA B 40 8.35 -9.00 10.55
N ARG B 41 8.57 -10.27 10.92
CA ARG B 41 8.82 -10.62 12.32
C ARG B 41 10.14 -10.07 12.85
N PHE B 42 11.00 -9.56 11.95
CA PHE B 42 12.24 -8.94 12.39
C PHE B 42 11.98 -7.70 13.27
N LEU B 43 10.79 -7.14 13.16
CA LEU B 43 10.39 -5.99 13.97
C LEU B 43 10.08 -6.38 15.41
N GLN B 44 9.91 -7.67 15.65
CA GLN B 44 9.64 -8.17 16.99
C GLN B 44 10.93 -8.39 17.78
N GLY B 45 10.82 -8.46 19.10
CA GLY B 45 11.97 -8.72 19.94
C GLY B 45 11.57 -9.44 21.22
N PRO B 46 12.50 -9.54 22.16
CA PRO B 46 12.30 -10.29 23.41
C PRO B 46 11.13 -9.78 24.25
N GLU B 47 10.86 -8.47 24.23
CA GLU B 47 9.79 -7.93 25.05
C GLU B 47 8.43 -7.96 24.33
N THR B 48 8.40 -8.54 23.13
CA THR B 48 7.14 -8.70 22.40
C THR B 48 6.37 -9.90 22.96
N ASP B 49 5.11 -9.68 23.33
CA ASP B 49 4.26 -10.73 23.89
C ASP B 49 3.82 -11.69 22.78
N GLN B 50 4.26 -12.95 22.86
CA GLN B 50 3.95 -13.92 21.82
C GLN B 50 2.47 -14.28 21.76
N ALA B 51 1.75 -14.06 22.86
CA ALA B 51 0.31 -14.31 22.90
C ALA B 51 -0.41 -13.30 22.01
N THR B 52 0.14 -12.10 21.92
CA THR B 52 -0.42 -11.07 21.06
C THR B 52 -0.13 -11.39 19.60
N VAL B 53 1.04 -11.95 19.36
CA VAL B 53 1.42 -12.35 18.01
C VAL B 53 0.54 -13.52 17.56
N GLN B 54 0.11 -14.34 18.50
CA GLN B 54 -0.77 -15.47 18.20
C GLN B 54 -2.06 -15.03 17.49
N LYS B 55 -2.58 -13.87 17.87
CA LYS B 55 -3.76 -13.32 17.22
C LYS B 55 -3.47 -13.01 15.74
N ILE B 56 -2.29 -12.47 15.45
CA ILE B 56 -1.88 -12.25 14.07
C ILE B 56 -1.82 -13.58 13.32
N ARG B 57 -1.19 -14.57 13.97
CA ARG B 57 -1.05 -15.93 13.49
C ARG B 57 -2.40 -16.53 13.12
N ASP B 58 -3.36 -16.40 14.02
CA ASP B 58 -4.71 -16.93 13.81
C ASP B 58 -5.41 -16.25 12.62
N ALA B 59 -5.17 -14.96 12.46
CA ALA B 59 -5.79 -14.21 11.36
C ALA B 59 -5.21 -14.63 10.01
N ILE B 60 -3.91 -14.88 9.99
CA ILE B 60 -3.20 -15.26 8.78
C ILE B 60 -3.61 -16.66 8.34
N ARG B 61 -3.64 -17.58 9.30
CA ARG B 61 -4.11 -18.94 9.05
C ARG B 61 -5.55 -18.93 8.52
N ASP B 62 -6.45 -18.29 9.27
CA ASP B 62 -7.85 -18.18 8.86
C ASP B 62 -8.04 -17.30 7.63
N GLN B 63 -7.01 -16.52 7.29
CA GLN B 63 -7.06 -15.55 6.19
C GLN B 63 -8.20 -14.55 6.36
N ARG B 64 -8.14 -13.77 7.43
CA ARG B 64 -9.13 -12.73 7.70
C ARG B 64 -8.41 -11.52 8.26
N GLU B 65 -9.08 -10.37 8.25
CA GLU B 65 -8.46 -9.15 8.75
C GLU B 65 -8.40 -9.17 10.27
N THR B 66 -7.49 -8.36 10.82
CA THR B 66 -7.40 -8.21 12.27
C THR B 66 -6.65 -6.91 12.58
N THR B 67 -6.77 -6.46 13.81
CA THR B 67 -6.03 -5.30 14.27
C THR B 67 -5.53 -5.58 15.69
N VAL B 68 -4.23 -5.46 15.91
CA VAL B 68 -3.65 -5.71 17.24
C VAL B 68 -2.53 -4.71 17.56
N GLN B 69 -2.29 -4.51 18.86
CA GLN B 69 -1.18 -3.71 19.35
C GLN B 69 -0.07 -4.65 19.75
N LEU B 70 1.17 -4.37 19.35
CA LEU B 70 2.29 -5.20 19.82
C LEU B 70 3.59 -4.41 19.89
N ILE B 71 4.49 -4.83 20.79
CA ILE B 71 5.79 -4.20 20.93
C ILE B 71 6.62 -4.49 19.70
N ASN B 72 7.16 -3.44 19.09
CA ASN B 72 8.02 -3.58 17.92
C ASN B 72 9.29 -2.77 18.08
N TYR B 73 10.36 -3.21 17.43
CA TYR B 73 11.66 -2.57 17.56
C TYR B 73 12.09 -1.95 16.23
N THR B 74 12.55 -0.70 16.25
CA THR B 74 13.20 -0.12 15.08
C THR B 74 14.54 -0.81 14.88
N LYS B 75 15.21 -0.51 13.77
CA LYS B 75 16.52 -1.09 13.50
C LYS B 75 17.53 -0.86 14.64
N SER B 76 17.48 0.32 15.23
CA SER B 76 18.43 0.68 16.29
C SER B 76 18.07 0.09 17.64
N GLY B 77 16.85 -0.42 17.76
CA GLY B 77 16.41 -1.01 19.02
C GLY B 77 15.53 -0.05 19.81
N LYS B 78 15.21 1.08 19.20
CA LYS B 78 14.20 1.97 19.76
C LYS B 78 12.85 1.30 19.54
N LYS B 79 11.99 1.33 20.55
CA LYS B 79 10.66 0.78 20.36
C LYS B 79 9.81 1.82 19.64
N PHE B 80 8.83 1.36 18.87
CA PHE B 80 7.89 2.28 18.24
C PHE B 80 6.46 1.77 18.39
N TRP B 81 5.52 2.71 18.44
CA TRP B 81 4.12 2.36 18.60
C TRP B 81 3.59 1.72 17.33
N ASN B 82 3.01 0.53 17.47
CA ASN B 82 2.48 -0.18 16.32
C ASN B 82 1.10 -0.75 16.61
N LEU B 83 0.07 -0.03 16.16
CA LEU B 83 -1.27 -0.60 16.09
C LEU B 83 -1.39 -1.16 14.68
N LEU B 84 -1.18 -2.47 14.56
CA LEU B 84 -1.06 -3.09 13.25
C LEU B 84 -2.42 -3.57 12.74
N HIS B 85 -2.79 -3.13 11.53
CA HIS B 85 -3.98 -3.65 10.87
C HIS B 85 -3.57 -4.52 9.69
N LEU B 86 -4.16 -5.71 9.60
CA LEU B 86 -3.82 -6.68 8.55
C LEU B 86 -5.05 -6.99 7.70
N GLN B 87 -4.84 -7.17 6.39
CA GLN B 87 -5.94 -7.45 5.46
C GLN B 87 -5.49 -8.42 4.36
N PRO B 88 -6.20 -9.55 4.20
CA PRO B 88 -5.82 -10.42 3.09
C PRO B 88 -6.43 -9.95 1.77
N VAL B 89 -5.77 -10.28 0.66
CA VAL B 89 -6.29 -10.02 -0.67
C VAL B 89 -6.29 -11.31 -1.47
N ARG B 90 -7.41 -11.66 -2.09
CA ARG B 90 -7.40 -12.87 -2.91
C ARG B 90 -7.71 -12.60 -4.38
N ASP B 91 -7.21 -13.46 -5.27
CA ASP B 91 -7.38 -13.28 -6.70
C ASP B 91 -8.79 -13.66 -7.19
N GLN B 92 -8.99 -13.58 -8.50
CA GLN B 92 -10.30 -13.86 -9.08
C GLN B 92 -10.74 -15.32 -8.89
N LYS B 93 -9.79 -16.25 -8.83
CA LYS B 93 -10.12 -17.66 -8.63
C LYS B 93 -10.26 -18.01 -7.15
N GLY B 94 -10.20 -17.00 -6.29
CA GLY B 94 -10.45 -17.18 -4.87
C GLY B 94 -9.26 -17.69 -4.09
N GLU B 95 -8.08 -17.62 -4.69
CA GLU B 95 -6.87 -18.02 -3.98
C GLU B 95 -6.19 -16.82 -3.35
N LEU B 96 -5.72 -16.99 -2.12
CA LEU B 96 -5.01 -15.94 -1.41
C LEU B 96 -3.83 -15.41 -2.24
N GLN B 97 -3.72 -14.09 -2.34
CA GLN B 97 -2.71 -13.48 -3.20
C GLN B 97 -1.69 -12.67 -2.40
N TYR B 98 -2.19 -11.77 -1.55
CA TYR B 98 -1.31 -10.96 -0.70
C TYR B 98 -1.92 -10.75 0.67
N PHE B 99 -1.11 -10.21 1.57
CA PHE B 99 -1.59 -9.54 2.76
C PHE B 99 -1.06 -8.10 2.71
N 2LT B 100 -1.87 -7.13 3.12
CA 2LT B 100 -1.34 -5.83 3.35
C 2LT B 100 -1.47 -5.50 4.84
O 2LT B 100 -2.42 -6.01 5.52
CB 2LT B 100 -1.85 -4.79 2.48
CG 2LT B 100 -3.30 -4.29 2.59
CD1 2LT B 100 -3.64 -3.23 3.49
CD2 2LT B 100 -4.24 -4.84 1.82
CE1 2LT B 100 -4.92 -2.83 3.55
CE2 2LT B 100 -5.60 -4.39 1.92
CZ 2LT B 100 -5.92 -3.42 2.74
OH 2LT B 100 -7.18 -2.98 2.82
CL1 2LT B 100 -5.40 -1.52 4.67
CL2 2LT B 100 -6.80 -5.08 0.93
N GLY B 101 -0.55 -4.71 5.34
CA GLY B 101 -0.53 -4.35 6.74
C GLY B 101 -0.30 -2.86 6.87
N VAL B 102 -1.06 -2.22 7.74
CA VAL B 102 -0.94 -0.79 7.96
C VAL B 102 -0.57 -0.55 9.42
N GLN B 103 0.56 0.11 9.65
CA GLN B 103 1.03 0.39 11.00
C GLN B 103 0.61 1.79 11.42
N LEU B 104 -0.28 1.87 12.41
CA LEU B 104 -0.63 3.17 12.99
C LEU B 104 0.29 3.47 14.17
N ASP B 105 0.73 4.73 14.27
CA ASP B 105 1.65 5.12 15.35
C ASP B 105 1.22 6.43 16.04
N1 FMN C . -5.50 9.99 -10.89
C2 FMN C . -6.75 10.26 -10.34
O2 FMN C . -7.51 11.04 -10.90
N3 FMN C . -7.14 9.66 -9.16
C4 FMN C . -6.28 8.80 -8.53
O4 FMN C . -6.64 8.26 -7.47
C4A FMN C . -5.03 8.51 -9.07
N5 FMN C . -4.17 7.64 -8.44
C5A FMN C . -2.92 7.36 -8.97
C6 FMN C . -2.08 6.48 -8.32
C7 FMN C . -0.82 6.19 -8.85
C7M FMN C . 0.10 5.25 -8.13
C8 FMN C . -0.43 6.80 -10.04
C8M FMN C . 0.92 6.49 -10.61
C9 FMN C . -1.28 7.68 -10.69
C9A FMN C . -2.53 7.97 -10.16
N10 FMN C . -3.40 8.85 -10.81
C10 FMN C . -4.64 9.12 -10.26
C1' FMN C . -2.99 9.53 -12.09
C2' FMN C . -3.38 8.83 -13.38
O2' FMN C . -3.06 7.46 -13.32
C3' FMN C . -2.61 9.47 -14.54
O3' FMN C . -1.23 9.38 -14.30
C4' FMN C . -2.97 10.94 -14.74
O4' FMN C . -4.29 11.05 -15.23
C5' FMN C . -2.02 11.62 -15.74
O5' FMN C . -1.79 10.72 -16.80
P FMN C . -2.53 10.90 -18.22
O1P FMN C . -3.98 10.53 -18.04
O2P FMN C . -2.41 12.32 -18.69
O3P FMN C . -1.87 9.99 -19.22
N1 FMN D . 4.69 -8.21 12.85
C2 FMN D . 5.25 -7.18 13.58
O2 FMN D . 5.77 -7.41 14.67
N3 FMN D . 5.23 -5.89 13.11
C4 FMN D . 4.64 -5.61 11.90
O4 FMN D . 4.61 -4.45 11.50
C4A FMN D . 4.07 -6.64 11.16
N5 FMN D . 3.49 -6.36 9.94
C5A FMN D . 2.92 -7.38 9.19
C6 FMN D . 2.34 -7.09 7.96
C7 FMN D . 1.76 -8.10 7.20
C7M FMN D . 1.12 -7.77 5.88
C8 FMN D . 1.78 -9.41 7.67
C8M FMN D . 1.17 -10.51 6.86
C9 FMN D . 2.37 -9.71 8.90
C9A FMN D . 2.94 -8.69 9.66
N10 FMN D . 3.54 -8.98 10.89
C10 FMN D . 4.09 -7.95 11.64
C1' FMN D . 3.57 -10.37 11.45
C2' FMN D . 4.70 -11.30 11.01
O2' FMN D . 4.98 -11.12 9.65
C3' FMN D . 4.24 -12.73 11.27
O3' FMN D . 2.99 -12.93 10.64
C4' FMN D . 4.07 -13.01 12.75
O4' FMN D . 5.29 -12.76 13.43
C5' FMN D . 3.64 -14.45 13.00
O5' FMN D . 4.45 -15.28 12.21
P FMN D . 5.58 -16.21 12.88
O1P FMN D . 6.66 -15.31 13.42
O2P FMN D . 4.97 -17.01 14.01
O3P FMN D . 6.12 -17.14 11.84
#